data_1D1I
#
_entry.id   1D1I
#
_cell.length_a   44.232
_cell.length_b   44.136
_cell.length_c   53.881
_cell.angle_alpha   106.04
_cell.angle_beta   106.37
_cell.angle_gamma   99.22
#
_symmetry.space_group_name_H-M   'P 1'
#
loop_
_entity.id
_entity.type
_entity.pdbx_description
1 polymer 'SHIGA TOXIN B-CHAIN'
2 branched alpha-D-galactopyranose-(1-4)-beta-D-galactopyranose
3 branched alpha-D-galactopyranose-(1-4)-beta-D-galactopyranose-(1-4)-beta-D-glucopyranose
4 water water
#
_entity_poly.entity_id   1
_entity_poly.type   'polypeptide(L)'
_entity_poly.pdbx_seq_one_letter_code
;TPDCVTGKVEYTKYNDDDTFTVKVGDKELFTNRANLQSLLLSAQITGMTVTIKTNACHNGGGFSEVIFR
;
_entity_poly.pdbx_strand_id   A,B,C,D,E
#
# COMPACT_ATOMS: atom_id res chain seq x y z
N THR A 1 -7.03 -26.11 -8.67
CA THR A 1 -6.59 -25.56 -9.93
C THR A 1 -5.14 -25.93 -10.16
N PRO A 2 -4.69 -26.39 -11.35
CA PRO A 2 -3.29 -26.81 -11.53
C PRO A 2 -2.28 -25.69 -11.54
N ASP A 3 -1.07 -25.97 -11.10
CA ASP A 3 0.05 -25.08 -11.23
C ASP A 3 0.31 -24.83 -12.71
N CYS A 4 0.55 -23.56 -13.08
CA CYS A 4 0.85 -23.25 -14.45
C CYS A 4 2.31 -22.83 -14.53
N VAL A 5 2.83 -21.89 -13.74
CA VAL A 5 4.23 -21.49 -13.81
C VAL A 5 4.66 -21.10 -12.41
N THR A 6 5.92 -21.28 -12.12
CA THR A 6 6.53 -20.87 -10.87
C THR A 6 7.80 -20.13 -11.19
N GLY A 7 8.09 -19.00 -10.53
CA GLY A 7 9.34 -18.32 -10.74
C GLY A 7 9.25 -16.90 -10.19
N LYS A 8 10.30 -16.12 -10.39
CA LYS A 8 10.32 -14.70 -10.00
C LYS A 8 9.55 -13.93 -11.07
N VAL A 9 8.90 -12.82 -10.72
CA VAL A 9 8.15 -12.17 -11.79
C VAL A 9 9.17 -11.26 -12.54
N GLU A 10 9.19 -11.49 -13.87
CA GLU A 10 10.10 -10.76 -14.73
C GLU A 10 9.71 -9.31 -15.02
N TYR A 11 8.42 -9.10 -15.24
CA TYR A 11 7.91 -7.73 -15.39
C TYR A 11 6.41 -7.78 -15.14
N THR A 12 5.81 -6.62 -14.86
CA THR A 12 4.37 -6.54 -14.81
C THR A 12 3.91 -5.41 -15.76
N LYS A 13 2.65 -5.38 -16.08
CA LYS A 13 2.13 -4.38 -16.99
C LYS A 13 0.71 -4.05 -16.59
N TYR A 14 0.42 -2.75 -16.49
CA TYR A 14 -0.94 -2.30 -16.27
C TYR A 14 -1.55 -2.13 -17.66
N ASN A 15 -2.74 -2.65 -17.85
CA ASN A 15 -3.38 -2.63 -19.17
C ASN A 15 -4.47 -1.61 -19.28
N ASP A 16 -4.86 -1.27 -20.53
CA ASP A 16 -5.85 -0.21 -20.73
C ASP A 16 -7.23 -0.52 -20.17
N ASP A 17 -7.57 -1.79 -20.00
CA ASP A 17 -8.86 -2.17 -19.44
C ASP A 17 -8.83 -2.43 -17.91
N ASP A 18 -7.76 -1.95 -17.27
CA ASP A 18 -7.49 -2.08 -15.84
C ASP A 18 -7.16 -3.50 -15.36
N THR A 19 -6.91 -4.45 -16.28
CA THR A 19 -6.38 -5.72 -15.85
C THR A 19 -4.87 -5.58 -15.70
N PHE A 20 -4.20 -6.61 -15.18
CA PHE A 20 -2.80 -6.50 -14.86
C PHE A 20 -2.08 -7.74 -15.39
N THR A 21 -1.05 -7.60 -16.17
CA THR A 21 -0.29 -8.71 -16.72
C THR A 21 0.97 -8.99 -15.95
N VAL A 22 1.33 -10.26 -15.76
CA VAL A 22 2.61 -10.56 -15.15
C VAL A 22 3.33 -11.55 -16.11
N LYS A 23 4.63 -11.51 -16.12
CA LYS A 23 5.41 -12.51 -16.86
C LYS A 23 6.18 -13.29 -15.83
N VAL A 24 5.88 -14.59 -15.78
CA VAL A 24 6.59 -15.51 -14.86
C VAL A 24 6.95 -16.74 -15.73
N GLY A 25 8.21 -17.16 -15.67
CA GLY A 25 8.65 -18.30 -16.45
C GLY A 25 8.58 -17.95 -17.93
N ASP A 26 7.84 -18.72 -18.71
CA ASP A 26 7.74 -18.48 -20.14
C ASP A 26 6.36 -17.99 -20.52
N LYS A 27 5.55 -17.49 -19.56
CA LYS A 27 4.19 -17.15 -19.89
C LYS A 27 3.88 -15.74 -19.40
N GLU A 28 3.15 -15.03 -20.22
CA GLU A 28 2.57 -13.76 -19.88
C GLU A 28 1.15 -14.11 -19.47
N LEU A 29 0.63 -13.72 -18.30
CA LEU A 29 -0.71 -14.09 -17.89
C LEU A 29 -1.35 -12.81 -17.29
N PHE A 30 -2.66 -12.69 -17.28
CA PHE A 30 -3.27 -11.48 -16.73
C PHE A 30 -4.31 -11.85 -15.66
N THR A 31 -4.59 -10.85 -14.80
CA THR A 31 -5.67 -11.04 -13.87
C THR A 31 -6.57 -9.81 -13.88
N ASN A 32 -7.86 -10.02 -13.69
CA ASN A 32 -8.80 -8.94 -13.57
C ASN A 32 -9.05 -8.63 -12.09
N ARG A 33 -8.33 -9.21 -11.13
CA ARG A 33 -8.61 -8.96 -9.70
C ARG A 33 -7.80 -7.73 -9.28
N ALA A 34 -8.44 -6.58 -9.03
CA ALA A 34 -7.70 -5.37 -8.66
C ALA A 34 -6.82 -5.53 -7.43
N ASN A 35 -7.29 -6.32 -6.45
CA ASN A 35 -6.53 -6.52 -5.21
C ASN A 35 -5.16 -7.12 -5.41
N LEU A 36 -4.99 -7.87 -6.52
CA LEU A 36 -3.70 -8.48 -6.80
C LEU A 36 -2.68 -7.54 -7.36
N GLN A 37 -3.02 -6.33 -7.87
CA GLN A 37 -2.00 -5.48 -8.45
C GLN A 37 -0.90 -5.08 -7.52
N SER A 38 -1.25 -4.56 -6.30
CA SER A 38 -0.17 -4.16 -5.41
C SER A 38 0.59 -5.36 -4.82
N LEU A 39 -0.16 -6.46 -4.64
CA LEU A 39 0.49 -7.68 -4.10
C LEU A 39 1.56 -8.21 -5.11
N LEU A 40 1.18 -8.26 -6.37
CA LEU A 40 2.17 -8.72 -7.39
C LEU A 40 3.31 -7.78 -7.59
N LEU A 41 3.09 -6.43 -7.58
CA LEU A 41 4.21 -5.53 -7.69
C LEU A 41 5.11 -5.67 -6.50
N SER A 42 4.56 -5.85 -5.26
CA SER A 42 5.40 -6.09 -4.09
C SER A 42 6.24 -7.33 -4.28
N ALA A 43 5.66 -8.40 -4.81
CA ALA A 43 6.40 -9.68 -5.02
C ALA A 43 7.51 -9.45 -6.02
N GLN A 44 7.25 -8.63 -7.06
CA GLN A 44 8.28 -8.29 -8.01
C GLN A 44 9.41 -7.54 -7.40
N ILE A 45 9.11 -6.49 -6.62
CA ILE A 45 10.15 -5.67 -6.00
C ILE A 45 11.01 -6.46 -5.01
N THR A 46 10.38 -7.34 -4.24
CA THR A 46 11.15 -8.03 -3.23
C THR A 46 11.73 -9.34 -3.72
N GLY A 47 11.49 -9.78 -4.95
CA GLY A 47 12.14 -10.98 -5.48
C GLY A 47 11.52 -12.23 -4.93
N MET A 48 10.21 -12.23 -4.65
CA MET A 48 9.56 -13.43 -4.12
C MET A 48 9.36 -14.47 -5.22
N THR A 49 9.29 -15.78 -4.93
CA THR A 49 8.91 -16.77 -5.94
C THR A 49 7.40 -16.84 -5.94
N VAL A 50 6.74 -16.79 -7.06
CA VAL A 50 5.30 -16.94 -7.06
C VAL A 50 4.91 -18.18 -7.88
N THR A 51 3.79 -18.77 -7.61
CA THR A 51 3.25 -19.85 -8.40
C THR A 51 1.89 -19.41 -8.83
N ILE A 52 1.61 -19.40 -10.12
CA ILE A 52 0.31 -19.02 -10.58
C ILE A 52 -0.41 -20.30 -10.96
N LYS A 53 -1.64 -20.44 -10.53
CA LYS A 53 -2.46 -21.61 -10.83
C LYS A 53 -3.56 -21.17 -11.76
N THR A 54 -3.70 -21.83 -12.93
CA THR A 54 -4.78 -21.49 -13.83
C THR A 54 -4.97 -22.67 -14.80
N ASN A 55 -6.19 -22.86 -15.24
CA ASN A 55 -6.51 -23.81 -16.29
C ASN A 55 -6.23 -23.16 -17.64
N ALA A 56 -6.03 -21.83 -17.75
CA ALA A 56 -5.74 -21.18 -19.04
C ALA A 56 -4.26 -20.95 -19.08
N CYS A 57 -3.47 -22.04 -19.12
CA CYS A 57 -2.04 -21.93 -18.99
C CYS A 57 -1.41 -21.82 -20.37
N HIS A 58 -1.45 -20.60 -20.91
CA HIS A 58 -0.94 -20.30 -22.23
C HIS A 58 -0.70 -18.79 -22.22
N ASN A 59 0.10 -18.25 -23.15
CA ASN A 59 0.32 -16.82 -23.21
C ASN A 59 -0.96 -16.07 -23.41
N GLY A 60 -1.20 -15.07 -22.54
CA GLY A 60 -2.41 -14.28 -22.58
C GLY A 60 -3.56 -14.88 -21.76
N GLY A 61 -3.31 -15.98 -21.02
CA GLY A 61 -4.35 -16.67 -20.25
C GLY A 61 -4.63 -15.90 -18.94
N GLY A 62 -5.85 -15.97 -18.50
CA GLY A 62 -6.25 -15.32 -17.26
C GLY A 62 -5.97 -16.16 -16.01
N PHE A 63 -5.87 -15.52 -14.81
CA PHE A 63 -5.68 -16.28 -13.58
C PHE A 63 -6.26 -15.44 -12.42
N SER A 64 -6.54 -16.10 -11.31
CA SER A 64 -6.88 -15.41 -10.07
C SER A 64 -6.11 -16.01 -8.94
N GLU A 65 -5.52 -17.20 -9.07
CA GLU A 65 -4.85 -17.83 -7.96
C GLU A 65 -3.36 -17.73 -7.99
N VAL A 66 -2.73 -17.32 -6.91
CA VAL A 66 -1.29 -17.08 -6.88
C VAL A 66 -0.83 -17.48 -5.49
N ILE A 67 0.32 -18.12 -5.41
CA ILE A 67 0.93 -18.46 -4.12
C ILE A 67 2.17 -17.62 -4.06
N PHE A 68 2.39 -16.93 -2.93
CA PHE A 68 3.52 -16.07 -2.72
C PHE A 68 4.45 -16.75 -1.72
N ARG A 69 5.73 -17.00 -2.07
CA ARG A 69 6.69 -17.63 -1.15
C ARG A 69 7.96 -16.84 -1.01
N THR B 1 -11.12 -14.66 21.78
CA THR B 1 -10.93 -15.76 20.84
C THR B 1 -9.59 -16.43 21.14
N PRO B 2 -9.45 -17.78 21.20
CA PRO B 2 -8.19 -18.41 21.56
C PRO B 2 -7.11 -18.30 20.49
N ASP B 3 -5.86 -18.25 20.92
CA ASP B 3 -4.71 -18.36 20.03
C ASP B 3 -4.77 -19.72 19.32
N CYS B 4 -4.51 -19.73 18.00
CA CYS B 4 -4.50 -20.95 17.25
C CYS B 4 -3.07 -21.25 16.86
N VAL B 5 -2.31 -20.34 16.21
CA VAL B 5 -0.91 -20.58 15.83
C VAL B 5 -0.16 -19.29 15.93
N THR B 6 1.12 -19.36 16.27
CA THR B 6 2.01 -18.23 16.28
C THR B 6 3.26 -18.59 15.47
N GLY B 7 3.78 -17.71 14.62
CA GLY B 7 5.00 -18.01 13.88
C GLY B 7 5.17 -17.03 12.73
N LYS B 8 6.21 -17.24 11.92
CA LYS B 8 6.43 -16.44 10.71
C LYS B 8 5.54 -16.99 9.62
N VAL B 9 5.14 -16.15 8.70
CA VAL B 9 4.26 -16.61 7.64
C VAL B 9 5.16 -17.39 6.65
N GLU B 10 4.79 -18.63 6.38
CA GLU B 10 5.51 -19.49 5.42
C GLU B 10 5.12 -19.14 3.99
N TYR B 11 3.86 -19.03 3.67
CA TYR B 11 3.46 -18.59 2.35
C TYR B 11 2.06 -18.04 2.44
N THR B 12 1.61 -17.28 1.45
CA THR B 12 0.24 -16.82 1.38
C THR B 12 -0.30 -17.21 0.00
N LYS B 13 -1.60 -17.19 -0.17
CA LYS B 13 -2.21 -17.61 -1.41
C LYS B 13 -3.47 -16.82 -1.61
N TYR B 14 -3.62 -16.24 -2.78
CA TYR B 14 -4.85 -15.58 -3.14
C TYR B 14 -5.74 -16.64 -3.78
N ASN B 15 -6.99 -16.65 -3.39
CA ASN B 15 -7.88 -17.72 -3.84
C ASN B 15 -8.89 -17.26 -4.86
N ASP B 16 -9.52 -18.19 -5.61
CA ASP B 16 -10.43 -17.81 -6.65
C ASP B 16 -11.66 -17.06 -6.20
N ASP B 17 -12.08 -17.25 -4.94
CA ASP B 17 -13.25 -16.55 -4.39
C ASP B 17 -12.88 -15.24 -3.64
N ASP B 18 -11.65 -14.76 -3.84
CA ASP B 18 -11.09 -13.55 -3.27
C ASP B 18 -10.80 -13.65 -1.79
N THR B 19 -10.84 -14.85 -1.18
CA THR B 19 -10.32 -14.99 0.16
C THR B 19 -8.80 -15.15 0.08
N PHE B 20 -8.13 -15.19 1.23
CA PHE B 20 -6.70 -15.19 1.25
C PHE B 20 -6.24 -16.25 2.23
N THR B 21 -5.38 -17.17 1.85
CA THR B 21 -4.89 -18.20 2.73
C THR B 21 -3.51 -17.88 3.26
N VAL B 22 -3.19 -18.24 4.50
CA VAL B 22 -1.88 -18.04 5.03
C VAL B 22 -1.47 -19.38 5.67
N LYS B 23 -0.20 -19.71 5.66
CA LYS B 23 0.30 -20.89 6.35
C LYS B 23 1.21 -20.38 7.43
N VAL B 24 0.83 -20.64 8.69
CA VAL B 24 1.65 -20.25 9.84
C VAL B 24 1.70 -21.52 10.72
N GLY B 25 2.88 -21.88 11.18
CA GLY B 25 3.04 -23.09 11.99
C GLY B 25 2.65 -24.31 11.16
N ASP B 26 1.72 -25.11 11.64
CA ASP B 26 1.34 -26.31 10.92
C ASP B 26 -0.03 -26.17 10.30
N LYS B 27 -0.56 -24.95 10.18
CA LYS B 27 -1.93 -24.80 9.73
C LYS B 27 -2.00 -23.86 8.54
N GLU B 28 -2.90 -24.19 7.65
CA GLU B 28 -3.22 -23.37 6.52
C GLU B 28 -4.57 -22.78 6.92
N LEU B 29 -4.75 -21.48 6.99
CA LEU B 29 -6.00 -20.88 7.43
C LEU B 29 -6.39 -19.81 6.40
N PHE B 30 -7.65 -19.45 6.27
CA PHE B 30 -8.03 -18.42 5.32
C PHE B 30 -8.81 -17.27 6.01
N THR B 31 -8.83 -16.11 5.37
CA THR B 31 -9.68 -15.05 5.84
C THR B 31 -10.44 -14.45 4.68
N ASN B 32 -11.67 -14.03 4.95
CA ASN B 32 -12.45 -13.34 3.94
C ASN B 32 -12.36 -11.79 4.11
N ARG B 33 -11.48 -11.28 4.96
CA ARG B 33 -11.40 -9.83 5.21
C ARG B 33 -10.39 -9.26 4.21
N ALA B 34 -10.86 -8.51 3.21
CA ALA B 34 -9.98 -7.97 2.18
C ALA B 34 -8.86 -7.10 2.73
N ASN B 35 -9.15 -6.35 3.81
CA ASN B 35 -8.15 -5.46 4.39
C ASN B 35 -6.93 -6.18 4.88
N LEU B 36 -7.06 -7.46 5.23
CA LEU B 36 -5.94 -8.19 5.76
C LEU B 36 -4.98 -8.67 4.69
N GLN B 37 -5.33 -8.64 3.40
CA GLN B 37 -4.39 -9.17 2.38
C GLN B 37 -3.09 -8.42 2.34
N SER B 38 -3.10 -7.07 2.20
CA SER B 38 -1.82 -6.37 2.17
C SER B 38 -1.08 -6.41 3.49
N LEU B 39 -1.85 -6.40 4.60
CA LEU B 39 -1.18 -6.47 5.90
C LEU B 39 -0.42 -7.80 6.08
N LEU B 40 -1.07 -8.90 5.72
CA LEU B 40 -0.41 -10.21 5.87
C LEU B 40 0.75 -10.36 4.89
N LEU B 41 0.65 -9.84 3.66
CA LEU B 41 1.81 -9.98 2.74
C LEU B 41 2.93 -9.12 3.29
N SER B 42 2.66 -7.91 3.86
CA SER B 42 3.72 -7.12 4.46
C SER B 42 4.39 -7.87 5.59
N ALA B 43 3.61 -8.55 6.44
CA ALA B 43 4.17 -9.32 7.57
C ALA B 43 5.06 -10.43 7.04
N GLN B 44 4.62 -11.08 5.94
CA GLN B 44 5.43 -12.11 5.31
C GLN B 44 6.72 -11.58 4.79
N ILE B 45 6.71 -10.47 4.04
CA ILE B 45 7.92 -9.89 3.49
C ILE B 45 8.89 -9.45 4.56
N THR B 46 8.40 -8.87 5.65
CA THR B 46 9.32 -8.33 6.62
C THR B 46 9.66 -9.33 7.71
N GLY B 47 9.11 -10.51 7.72
CA GLY B 47 9.51 -11.53 8.68
C GLY B 47 8.92 -11.29 10.06
N MET B 48 7.74 -10.68 10.12
CA MET B 48 7.11 -10.42 11.43
C MET B 48 6.56 -11.70 12.05
N THR B 49 6.45 -11.84 13.38
CA THR B 49 5.79 -12.99 13.98
C THR B 49 4.31 -12.66 14.02
N VAL B 50 3.42 -13.48 13.59
CA VAL B 50 2.00 -13.22 13.73
C VAL B 50 1.33 -14.29 14.64
N THR B 51 0.26 -13.92 15.33
CA THR B 51 -0.53 -14.88 16.05
C THR B 51 -1.90 -14.80 15.46
N ILE B 52 -2.45 -15.91 15.03
CA ILE B 52 -3.79 -15.91 14.51
C ILE B 52 -4.69 -16.51 15.60
N LYS B 53 -5.80 -15.84 15.86
CA LYS B 53 -6.77 -16.31 16.86
C LYS B 53 -8.00 -16.78 16.13
N THR B 54 -8.49 -18.00 16.38
CA THR B 54 -9.69 -18.49 15.75
C THR B 54 -10.15 -19.72 16.53
N ASN B 55 -11.45 -19.91 16.53
CA ASN B 55 -12.07 -21.09 17.11
C ASN B 55 -12.02 -22.20 16.06
N ALA B 56 -11.75 -21.94 14.77
CA ALA B 56 -11.72 -22.97 13.74
C ALA B 56 -10.26 -23.27 13.52
N CYS B 57 -9.59 -23.81 14.55
CA CYS B 57 -8.19 -23.99 14.48
C CYS B 57 -7.85 -25.38 13.94
N HIS B 58 -7.92 -25.50 12.62
CA HIS B 58 -7.70 -26.74 11.90
C HIS B 58 -7.35 -26.31 10.47
N ASN B 59 -6.74 -27.19 9.64
CA ASN B 59 -6.41 -26.84 8.28
C ASN B 59 -7.67 -26.49 7.52
N GLY B 60 -7.64 -25.35 6.84
CA GLY B 60 -8.76 -24.85 6.08
C GLY B 60 -9.74 -24.03 6.93
N GLY B 61 -9.44 -23.78 8.20
CA GLY B 61 -10.36 -23.00 9.04
C GLY B 61 -10.22 -21.49 8.74
N GLY B 62 -11.31 -20.76 8.99
CA GLY B 62 -11.34 -19.34 8.77
C GLY B 62 -10.86 -18.52 9.97
N PHE B 63 -10.45 -17.25 9.77
CA PHE B 63 -10.06 -16.40 10.89
C PHE B 63 -10.27 -14.96 10.46
N SER B 64 -10.36 -14.05 11.43
CA SER B 64 -10.36 -12.62 11.17
C SER B 64 -9.41 -11.97 12.13
N GLU B 65 -8.96 -12.60 13.22
CA GLU B 65 -8.12 -11.90 14.17
C GLU B 65 -6.67 -12.27 14.07
N VAL B 66 -5.81 -11.27 14.04
CA VAL B 66 -4.38 -11.49 13.86
C VAL B 66 -3.65 -10.47 14.70
N ILE B 67 -2.60 -10.86 15.37
CA ILE B 67 -1.74 -9.94 16.10
C ILE B 67 -0.43 -9.91 15.31
N PHE B 68 0.08 -8.71 15.07
CA PHE B 68 1.34 -8.52 14.35
C PHE B 68 2.39 -8.05 15.34
N ARG B 69 3.50 -8.76 15.48
CA ARG B 69 4.59 -8.35 16.37
C ARG B 69 5.95 -8.28 15.67
N THR C 1 -7.60 18.00 20.48
CA THR C 1 -7.74 16.76 21.22
C THR C 1 -6.44 16.52 21.99
N PRO C 2 -6.43 16.13 23.27
CA PRO C 2 -5.19 15.96 24.03
C PRO C 2 -4.35 14.73 23.61
N ASP C 3 -3.05 14.85 23.75
CA ASP C 3 -2.14 13.74 23.60
C ASP C 3 -2.47 12.69 24.65
N CYS C 4 -2.52 11.42 24.24
CA CYS C 4 -2.78 10.35 25.17
C CYS C 4 -1.51 9.55 25.37
N VAL C 5 -0.81 9.03 24.31
CA VAL C 5 0.44 8.30 24.46
C VAL C 5 1.32 8.62 23.27
N THR C 6 2.61 8.58 23.51
CA THR C 6 3.61 8.74 22.47
C THR C 6 4.59 7.60 22.58
N GLY C 7 5.00 6.98 21.47
CA GLY C 7 6.02 5.93 21.56
C GLY C 7 6.04 5.11 20.26
N LYS C 8 6.84 4.06 20.24
CA LYS C 8 6.90 3.16 19.08
C LYS C 8 5.71 2.21 19.20
N VAL C 9 5.17 1.75 18.07
CA VAL C 9 4.08 0.79 18.08
C VAL C 9 4.63 -0.58 18.55
N GLU C 10 4.15 -1.12 19.68
CA GLU C 10 4.66 -2.42 20.19
C GLU C 10 4.00 -3.59 19.46
N TYR C 11 2.73 -3.53 19.16
CA TYR C 11 2.06 -4.54 18.34
C TYR C 11 0.79 -3.95 17.81
N THR C 12 0.20 -4.57 16.79
CA THR C 12 -1.09 -4.17 16.31
C THR C 12 -1.97 -5.41 16.22
N LYS C 13 -3.28 -5.26 16.12
CA LYS C 13 -4.16 -6.38 16.08
C LYS C 13 -5.35 -6.03 15.22
N TYR C 14 -5.71 -6.93 14.28
CA TYR C 14 -6.89 -6.74 13.50
C TYR C 14 -8.01 -7.46 14.27
N ASN C 15 -9.13 -6.80 14.45
CA ASN C 15 -10.21 -7.34 15.28
C ASN C 15 -11.35 -7.89 14.45
N ASP C 16 -12.20 -8.72 15.08
CA ASP C 16 -13.29 -9.36 14.37
C ASP C 16 -14.31 -8.43 13.77
N ASP C 17 -14.45 -7.22 14.34
CA ASP C 17 -15.41 -6.23 13.81
C ASP C 17 -14.77 -5.22 12.84
N ASP C 18 -13.58 -5.57 12.31
CA ASP C 18 -12.78 -4.78 11.37
C ASP C 18 -12.19 -3.52 11.95
N THR C 19 -12.22 -3.32 13.28
CA THR C 19 -11.47 -2.24 13.86
C THR C 19 -10.01 -2.70 14.04
N PHE C 20 -9.12 -1.81 14.45
CA PHE C 20 -7.72 -2.11 14.51
C PHE C 20 -7.16 -1.63 15.82
N THR C 21 -6.51 -2.47 16.60
CA THR C 21 -5.92 -2.09 17.87
C THR C 21 -4.46 -1.82 17.76
N VAL C 22 -3.93 -0.82 18.45
CA VAL C 22 -2.51 -0.60 18.52
C VAL C 22 -2.11 -0.53 20.01
N LYS C 23 -0.93 -0.95 20.34
CA LYS C 23 -0.41 -0.80 21.68
C LYS C 23 0.74 0.16 21.58
N VAL C 24 0.60 1.30 22.24
CA VAL C 24 1.67 2.30 22.29
C VAL C 24 1.83 2.69 23.76
N GLY C 25 3.04 2.72 24.29
CA GLY C 25 3.25 3.09 25.68
C GLY C 25 2.57 2.05 26.57
N ASP C 26 1.68 2.49 27.47
CA ASP C 26 1.03 1.55 28.37
C ASP C 26 -0.43 1.34 28.01
N LYS C 27 -0.86 1.71 26.79
CA LYS C 27 -2.26 1.64 26.47
C LYS C 27 -2.48 0.85 25.18
N GLU C 28 -3.54 0.08 25.19
CA GLU C 28 -4.04 -0.58 24.03
C GLU C 28 -5.18 0.32 23.56
N LEU C 29 -5.23 0.82 22.33
CA LEU C 29 -6.29 1.69 21.87
C LEU C 29 -6.78 1.18 20.51
N PHE C 30 -8.00 1.47 20.08
CA PHE C 30 -8.47 0.99 18.80
C PHE C 30 -8.98 2.13 17.93
N THR C 31 -9.01 1.91 16.61
CA THR C 31 -9.64 2.87 15.73
C THR C 31 -10.55 2.14 14.79
N ASN C 32 -11.65 2.79 14.43
CA ASN C 32 -12.57 2.24 13.44
C ASN C 32 -12.26 2.86 12.06
N ARG C 33 -11.19 3.66 11.89
CA ARG C 33 -10.93 4.29 10.58
C ARG C 33 -10.11 3.33 9.71
N ALA C 34 -10.72 2.68 8.72
CA ALA C 34 -9.99 1.70 7.86
C ALA C 34 -8.70 2.23 7.25
N ASN C 35 -8.68 3.50 6.85
CA ASN C 35 -7.52 4.10 6.23
C ASN C 35 -6.28 4.08 7.11
N LEU C 36 -6.49 4.04 8.43
CA LEU C 36 -5.34 4.02 9.32
C LEU C 36 -4.68 2.65 9.47
N GLN C 37 -5.27 1.55 8.99
CA GLN C 37 -4.64 0.23 9.22
C GLN C 37 -3.31 0.10 8.53
N SER C 38 -3.23 0.43 7.20
CA SER C 38 -1.91 0.29 6.58
C SER C 38 -0.92 1.33 7.05
N LEU C 39 -1.41 2.54 7.36
CA LEU C 39 -0.52 3.58 7.89
C LEU C 39 0.13 3.18 9.21
N LEU C 40 -0.70 2.62 10.11
CA LEU C 40 -0.14 2.18 11.38
C LEU C 40 0.80 0.97 11.28
N LEU C 41 0.46 -0.01 10.41
CA LEU C 41 1.38 -1.13 10.25
C LEU C 41 2.68 -0.64 9.63
N SER C 42 2.66 0.31 8.67
CA SER C 42 3.89 0.91 8.17
C SER C 42 4.71 1.58 9.25
N ALA C 43 4.05 2.33 10.17
CA ALA C 43 4.77 2.97 11.26
C ALA C 43 5.40 1.92 12.17
N GLN C 44 4.70 0.80 12.41
CA GLN C 44 5.23 -0.27 13.20
C GLN C 44 6.45 -0.89 12.58
N ILE C 45 6.36 -1.21 11.29
CA ILE C 45 7.50 -1.83 10.58
C ILE C 45 8.69 -0.93 10.55
N THR C 46 8.50 0.36 10.31
CA THR C 46 9.66 1.21 10.16
C THR C 46 10.12 1.83 11.46
N GLY C 47 9.48 1.57 12.60
CA GLY C 47 9.99 2.08 13.86
C GLY C 47 9.71 3.56 14.07
N MET C 48 8.64 4.09 13.48
CA MET C 48 8.31 5.51 13.65
C MET C 48 7.77 5.80 15.06
N THR C 49 7.95 7.00 15.61
CA THR C 49 7.30 7.38 16.87
C THR C 49 5.93 7.87 16.52
N VAL C 50 4.88 7.43 17.19
CA VAL C 50 3.59 7.97 16.90
C VAL C 50 3.02 8.64 18.20
N THR C 51 2.12 9.59 18.02
CA THR C 51 1.42 10.18 19.16
C THR C 51 -0.02 9.97 18.85
N ILE C 52 -0.78 9.37 19.78
CA ILE C 52 -2.18 9.18 19.55
C ILE C 52 -2.89 10.22 20.42
N LYS C 53 -3.83 10.94 19.85
CA LYS C 53 -4.59 11.93 20.59
C LYS C 53 -5.99 11.40 20.75
N THR C 54 -6.53 11.36 22.00
CA THR C 54 -7.89 10.92 22.20
C THR C 54 -8.33 11.40 23.61
N ASN C 55 -9.60 11.67 23.71
CA ASN C 55 -10.20 11.99 25.02
C ASN C 55 -10.51 10.67 25.73
N ALA C 56 -10.51 9.48 25.05
CA ALA C 56 -10.76 8.19 25.71
C ALA C 56 -9.43 7.57 25.99
N CYS C 57 -8.62 8.19 26.84
CA CYS C 57 -7.28 7.72 27.07
C CYS C 57 -7.22 6.73 28.21
N HIS C 58 -7.58 5.50 27.89
CA HIS C 58 -7.61 4.41 28.83
C HIS C 58 -7.50 3.14 27.97
N ASN C 59 -7.19 1.97 28.58
CA ASN C 59 -7.12 0.74 27.82
C ASN C 59 -8.44 0.41 27.18
N GLY C 60 -8.43 0.17 25.86
CA GLY C 60 -9.64 -0.14 25.14
C GLY C 60 -10.31 1.11 24.57
N GLY C 61 -9.72 2.28 24.74
CA GLY C 61 -10.33 3.51 24.28
C GLY C 61 -10.17 3.68 22.78
N GLY C 62 -11.09 4.36 22.13
CA GLY C 62 -11.06 4.64 20.70
C GLY C 62 -10.27 5.86 20.34
N PHE C 63 -9.77 5.98 19.07
CA PHE C 63 -9.07 7.18 18.63
C PHE C 63 -9.23 7.29 17.12
N SER C 64 -9.04 8.49 16.61
CA SER C 64 -8.93 8.70 15.17
C SER C 64 -7.73 9.57 14.87
N GLU C 65 -7.15 10.28 15.84
CA GLU C 65 -6.06 11.15 15.55
C GLU C 65 -4.69 10.61 15.90
N VAL C 66 -3.74 10.66 14.97
CA VAL C 66 -2.43 10.09 15.17
C VAL C 66 -1.43 11.01 14.47
N ILE C 67 -0.31 11.26 15.08
CA ILE C 67 0.77 12.02 14.47
C ILE C 67 1.86 10.99 14.25
N PHE C 68 2.41 10.98 13.02
CA PHE C 68 3.51 10.09 12.65
C PHE C 68 4.79 10.93 12.55
N ARG C 69 5.82 10.58 13.30
CA ARG C 69 7.12 11.29 13.23
C ARG C 69 8.31 10.36 12.99
N THR D 1 -0.65 26.60 -10.28
CA THR D 1 -0.76 26.90 -8.85
C THR D 1 0.63 27.19 -8.31
N PRO D 2 0.89 28.23 -7.51
CA PRO D 2 2.23 28.56 -7.05
C PRO D 2 2.79 27.56 -6.03
N ASP D 3 4.10 27.42 -6.02
CA ASP D 3 4.81 26.67 -5.00
C ASP D 3 4.58 27.36 -3.66
N CYS D 4 4.30 26.58 -2.61
CA CYS D 4 4.14 27.13 -1.29
C CYS D 4 5.32 26.72 -0.46
N VAL D 5 5.71 25.43 -0.35
CA VAL D 5 6.86 25.04 0.48
C VAL D 5 7.48 23.82 -0.20
N THR D 6 8.78 23.71 -0.02
CA THR D 6 9.52 22.54 -0.50
C THR D 6 10.39 22.02 0.64
N GLY D 7 10.45 20.71 0.87
CA GLY D 7 11.33 20.17 1.89
C GLY D 7 10.95 18.75 2.21
N LYS D 8 11.61 18.15 3.21
CA LYS D 8 11.27 16.81 3.68
C LYS D 8 10.04 16.91 4.58
N VAL D 9 9.20 15.90 4.59
CA VAL D 9 8.02 15.87 5.45
C VAL D 9 8.48 15.71 6.92
N GLU D 10 8.16 16.69 7.81
CA GLU D 10 8.57 16.65 9.20
C GLU D 10 7.65 15.73 10.02
N TYR D 11 6.37 15.78 9.81
CA TYR D 11 5.47 14.85 10.43
C TYR D 11 4.19 14.89 9.66
N THR D 12 3.32 13.89 9.80
CA THR D 12 2.02 13.89 9.23
C THR D 12 1.02 13.61 10.37
N LYS D 13 -0.24 13.90 10.13
CA LYS D 13 -1.25 13.72 11.15
C LYS D 13 -2.55 13.35 10.48
N TYR D 14 -3.19 12.28 11.00
CA TYR D 14 -4.49 11.92 10.51
C TYR D 14 -5.50 12.70 11.42
N ASN D 15 -6.49 13.31 10.79
CA ASN D 15 -7.41 14.19 11.54
C ASN D 15 -8.75 13.56 11.75
N ASP D 16 -9.54 14.08 12.72
CA ASP D 16 -10.81 13.45 13.03
C ASP D 16 -11.82 13.48 11.91
N ASP D 17 -11.71 14.42 10.96
CA ASP D 17 -12.64 14.51 9.83
C ASP D 17 -12.11 13.79 8.57
N ASP D 18 -11.12 12.93 8.77
CA ASP D 18 -10.46 12.12 7.73
C ASP D 18 -9.61 12.93 6.76
N THR D 19 -9.30 14.19 7.05
CA THR D 19 -8.32 14.89 6.25
C THR D 19 -6.95 14.54 6.81
N PHE D 20 -5.89 14.99 6.13
CA PHE D 20 -4.54 14.59 6.49
C PHE D 20 -3.66 15.81 6.53
N THR D 21 -2.95 16.05 7.59
CA THR D 21 -2.07 17.20 7.70
C THR D 21 -0.63 16.83 7.47
N VAL D 22 0.16 17.69 6.84
CA VAL D 22 1.57 17.47 6.70
C VAL D 22 2.29 18.72 7.15
N LYS D 23 3.48 18.59 7.70
CA LYS D 23 4.30 19.74 8.05
C LYS D 23 5.52 19.66 7.15
N VAL D 24 5.67 20.67 6.29
CA VAL D 24 6.84 20.76 5.41
C VAL D 24 7.35 22.20 5.55
N GLY D 25 8.64 22.40 5.78
CA GLY D 25 9.20 23.73 5.93
C GLY D 25 8.63 24.37 7.19
N ASP D 26 8.01 25.53 7.07
CA ASP D 26 7.46 26.22 8.23
C ASP D 26 5.94 26.18 8.23
N LYS D 27 5.31 25.29 7.45
CA LYS D 27 3.87 25.33 7.33
C LYS D 27 3.26 23.97 7.61
N GLU D 28 2.14 23.99 8.27
CA GLU D 28 1.33 22.84 8.49
C GLU D 28 0.22 23.00 7.47
N LEU D 29 -0.07 22.07 6.58
CA LEU D 29 -1.08 22.20 5.57
C LEU D 29 -1.91 20.94 5.58
N PHE D 30 -3.12 20.93 5.08
CA PHE D 30 -3.92 19.72 5.07
C PHE D 30 -4.46 19.41 3.68
N THR D 31 -4.82 18.14 3.44
CA THR D 31 -5.50 17.83 2.22
C THR D 31 -6.71 16.96 2.51
N ASN D 32 -7.75 17.12 1.72
CA ASN D 32 -8.90 16.29 1.84
C ASN D 32 -8.87 15.16 0.81
N ARG D 33 -7.77 14.94 0.08
CA ARG D 33 -7.73 13.90 -0.98
C ARG D 33 -7.25 12.60 -0.34
N ALA D 34 -8.13 11.61 -0.14
CA ALA D 34 -7.75 10.36 0.53
C ALA D 34 -6.56 9.63 -0.14
N ASN D 35 -6.48 9.72 -1.47
CA ASN D 35 -5.40 9.03 -2.20
C ASN D 35 -4.04 9.53 -1.82
N LEU D 36 -3.91 10.78 -1.33
CA LEU D 36 -2.63 11.28 -0.94
C LEU D 36 -2.13 10.79 0.38
N GLN D 37 -2.94 10.17 1.26
CA GLN D 37 -2.45 9.76 2.56
C GLN D 37 -1.32 8.76 2.53
N SER D 38 -1.51 7.66 1.77
CA SER D 38 -0.39 6.69 1.71
C SER D 38 0.82 7.22 0.92
N LEU D 39 0.55 8.06 -0.11
CA LEU D 39 1.66 8.62 -0.87
C LEU D 39 2.52 9.52 0.00
N LEU D 40 1.88 10.37 0.81
CA LEU D 40 2.66 11.26 1.67
C LEU D 40 3.36 10.54 2.79
N LEU D 41 2.74 9.50 3.40
CA LEU D 41 3.45 8.77 4.44
C LEU D 41 4.64 8.06 3.80
N SER D 42 4.49 7.51 2.57
CA SER D 42 5.66 6.90 1.89
C SER D 42 6.78 7.91 1.70
N ALA D 43 6.43 9.14 1.25
CA ALA D 43 7.44 10.18 1.08
C ALA D 43 8.13 10.53 2.37
N GLN D 44 7.36 10.55 3.49
CA GLN D 44 7.95 10.76 4.79
C GLN D 44 8.91 9.69 5.18
N ILE D 45 8.51 8.42 5.03
CA ILE D 45 9.35 7.29 5.44
C ILE D 45 10.64 7.23 4.61
N THR D 46 10.51 7.51 3.31
CA THR D 46 11.71 7.35 2.50
C THR D 46 12.53 8.62 2.40
N GLY D 47 12.14 9.74 2.99
CA GLY D 47 12.97 10.94 3.00
C GLY D 47 12.92 11.69 1.68
N MET D 48 11.80 11.61 0.93
CA MET D 48 11.71 12.30 -0.37
C MET D 48 11.55 13.80 -0.16
N THR D 49 12.00 14.66 -1.09
CA THR D 49 11.71 16.10 -1.03
C THR D 49 10.37 16.28 -1.68
N VAL D 50 9.44 17.00 -1.08
CA VAL D 50 8.17 17.25 -1.73
C VAL D 50 7.99 18.76 -1.92
N THR D 51 7.20 19.15 -2.90
CA THR D 51 6.85 20.55 -3.09
C THR D 51 5.35 20.58 -3.07
N ILE D 52 4.77 21.37 -2.17
CA ILE D 52 3.33 21.46 -2.16
C ILE D 52 2.99 22.80 -2.86
N LYS D 53 2.02 22.77 -3.74
CA LYS D 53 1.57 23.95 -4.45
C LYS D 53 0.16 24.28 -3.95
N THR D 54 -0.08 25.52 -3.51
CA THR D 54 -1.40 25.91 -3.07
C THR D 54 -1.43 27.45 -3.01
N ASN D 55 -2.61 27.99 -3.29
CA ASN D 55 -2.85 29.42 -3.14
C ASN D 55 -3.13 29.70 -1.66
N ALA D 56 -3.41 28.70 -0.80
CA ALA D 56 -3.69 28.92 0.62
C ALA D 56 -2.42 28.62 1.36
N CYS D 57 -1.39 29.40 1.12
CA CYS D 57 -0.09 29.11 1.68
C CYS D 57 0.12 29.83 2.99
N HIS D 58 -0.45 29.21 4.03
CA HIS D 58 -0.43 29.73 5.39
C HIS D 58 -0.70 28.53 6.28
N ASN D 59 -0.39 28.62 7.59
CA ASN D 59 -0.66 27.49 8.48
C ASN D 59 -2.12 27.15 8.50
N GLY D 60 -2.44 25.88 8.30
CA GLY D 60 -3.79 25.40 8.27
C GLY D 60 -4.44 25.51 6.88
N GLY D 61 -3.68 25.91 5.86
CA GLY D 61 -4.21 26.02 4.50
C GLY D 61 -4.37 24.65 3.83
N GLY D 62 -5.32 24.53 2.94
CA GLY D 62 -5.56 23.28 2.22
C GLY D 62 -4.73 23.16 0.95
N PHE D 63 -4.51 21.93 0.44
CA PHE D 63 -3.78 21.76 -0.83
C PHE D 63 -4.27 20.45 -1.44
N SER D 64 -4.01 20.30 -2.75
CA SER D 64 -4.24 19.03 -3.44
C SER D 64 -3.03 18.76 -4.31
N GLU D 65 -2.15 19.68 -4.59
CA GLU D 65 -1.06 19.44 -5.54
C GLU D 65 0.25 19.25 -4.84
N VAL D 66 0.98 18.18 -5.20
CA VAL D 66 2.22 17.85 -4.54
C VAL D 66 3.15 17.27 -5.62
N ILE D 67 4.40 17.61 -5.57
CA ILE D 67 5.40 17.03 -6.47
C ILE D 67 6.30 16.22 -5.54
N PHE D 68 6.56 14.97 -5.95
CA PHE D 68 7.40 14.05 -5.20
C PHE D 68 8.73 13.90 -5.97
N ARG D 69 9.87 14.23 -5.34
CA ARG D 69 11.18 14.06 -5.98
C ARG D 69 12.13 13.21 -5.14
N THR E 1 -0.39 -0.91 -28.34
CA THR E 1 -0.09 0.50 -28.15
C THR E 1 1.41 0.73 -28.23
N PRO E 2 1.95 1.73 -28.96
CA PRO E 2 3.40 1.91 -29.10
C PRO E 2 4.09 2.39 -27.83
N ASP E 3 5.34 1.98 -27.67
CA ASP E 3 6.20 2.51 -26.64
C ASP E 3 6.39 4.00 -26.85
N CYS E 4 6.28 4.80 -25.78
CA CYS E 4 6.49 6.24 -25.89
C CYS E 4 7.79 6.58 -25.21
N VAL E 5 8.06 6.23 -23.94
CA VAL E 5 9.32 6.54 -23.28
C VAL E 5 9.65 5.39 -22.37
N THR E 6 10.93 5.17 -22.13
CA THR E 6 11.42 4.19 -21.20
C THR E 6 12.46 4.84 -20.33
N GLY E 7 12.48 4.62 -19.02
CA GLY E 7 13.50 5.22 -18.17
C GLY E 7 13.07 5.15 -16.70
N LYS E 8 13.90 5.72 -15.84
CA LYS E 8 13.59 5.80 -14.41
C LYS E 8 12.64 7.00 -14.23
N VAL E 9 11.81 6.99 -13.18
CA VAL E 9 10.85 8.05 -13.01
C VAL E 9 11.63 9.20 -12.37
N GLU E 10 11.68 10.37 -13.00
CA GLU E 10 12.38 11.52 -12.45
C GLU E 10 11.56 12.17 -11.27
N TYR E 11 10.26 12.36 -11.50
CA TYR E 11 9.39 12.91 -10.45
C TYR E 11 7.98 12.56 -10.76
N THR E 12 7.08 12.64 -9.76
CA THR E 12 5.67 12.42 -9.99
C THR E 12 4.94 13.62 -9.35
N LYS E 13 3.71 13.83 -9.76
CA LYS E 13 2.96 14.98 -9.29
C LYS E 13 1.51 14.56 -9.19
N TYR E 14 0.90 14.85 -8.03
CA TYR E 14 -0.51 14.66 -7.88
C TYR E 14 -1.19 15.98 -8.33
N ASN E 15 -2.24 15.87 -9.11
CA ASN E 15 -2.84 17.05 -9.71
C ASN E 15 -4.17 17.40 -9.07
N ASP E 16 -4.64 18.65 -9.27
CA ASP E 16 -5.86 19.09 -8.62
C ASP E 16 -7.10 18.33 -9.02
N ASP E 17 -7.11 17.72 -10.23
CA ASP E 17 -8.27 16.94 -10.67
C ASP E 17 -8.13 15.42 -10.40
N ASP E 18 -7.19 15.06 -9.52
CA ASP E 18 -6.91 13.70 -9.04
C ASP E 18 -6.23 12.83 -10.10
N THR E 19 -5.76 13.42 -11.21
CA THR E 19 -4.92 12.64 -12.11
C THR E 19 -3.49 12.68 -11.56
N PHE E 20 -2.56 11.96 -12.18
CA PHE E 20 -1.23 11.82 -11.64
C PHE E 20 -0.24 11.98 -12.80
N THR E 21 0.74 12.85 -12.67
CA THR E 21 1.72 13.08 -13.71
C THR E 21 3.01 12.37 -13.39
N VAL E 22 3.70 11.82 -14.41
CA VAL E 22 5.00 11.25 -14.21
C VAL E 22 5.93 11.87 -15.27
N LYS E 23 7.19 12.07 -14.95
CA LYS E 23 8.17 12.52 -15.91
C LYS E 23 9.12 11.34 -16.08
N VAL E 24 9.16 10.82 -17.30
CA VAL E 24 10.09 9.72 -17.65
C VAL E 24 10.74 10.18 -18.97
N GLY E 25 12.05 10.09 -19.07
CA GLY E 25 12.75 10.51 -20.28
C GLY E 25 12.56 12.00 -20.47
N ASP E 26 12.07 12.42 -21.63
CA ASP E 26 11.90 13.84 -21.90
C ASP E 26 10.43 14.23 -21.88
N LYS E 27 9.55 13.39 -21.33
CA LYS E 27 8.13 13.67 -21.45
C LYS E 27 7.49 13.68 -20.05
N GLU E 28 6.54 14.59 -19.91
CA GLU E 28 5.69 14.64 -18.76
C GLU E 28 4.39 14.03 -19.25
N LEU E 29 3.85 12.99 -18.64
CA LEU E 29 2.63 12.36 -19.12
C LEU E 29 1.70 12.19 -17.91
N PHE E 30 0.40 12.06 -18.08
CA PHE E 30 -0.49 11.89 -16.94
C PHE E 30 -1.38 10.68 -17.14
N THR E 31 -1.91 10.13 -16.01
CA THR E 31 -2.88 9.11 -16.12
C THR E 31 -4.06 9.46 -15.21
N ASN E 32 -5.24 9.07 -15.64
CA ASN E 32 -6.42 9.22 -14.82
C ASN E 32 -6.74 7.91 -14.06
N ARG E 33 -5.88 6.87 -14.10
CA ARG E 33 -6.20 5.58 -13.46
C ARG E 33 -5.71 5.64 -12.01
N ALA E 34 -6.61 5.76 -11.03
CA ALA E 34 -6.20 5.88 -9.62
C ALA E 34 -5.28 4.75 -9.10
N ASN E 35 -5.51 3.53 -9.60
CA ASN E 35 -4.73 2.36 -9.20
C ASN E 35 -3.27 2.50 -9.51
N LEU E 36 -2.93 3.30 -10.53
CA LEU E 36 -1.55 3.47 -10.87
C LEU E 36 -0.75 4.40 -9.99
N GLN E 37 -1.38 5.21 -9.11
CA GLN E 37 -0.64 6.18 -8.32
C GLN E 37 0.34 5.53 -7.36
N SER E 38 -0.15 4.55 -6.56
CA SER E 38 0.83 3.95 -5.64
C SER E 38 1.85 3.07 -6.39
N LEU E 39 1.39 2.42 -7.45
CA LEU E 39 2.37 1.63 -8.26
C LEU E 39 3.49 2.47 -8.83
N LEU E 40 3.17 3.62 -9.41
CA LEU E 40 4.20 4.50 -9.92
C LEU E 40 5.07 5.11 -8.90
N LEU E 41 4.51 5.52 -7.69
CA LEU E 41 5.40 6.05 -6.69
C LEU E 41 6.34 4.95 -6.19
N SER E 42 5.86 3.69 -6.08
CA SER E 42 6.73 2.58 -5.67
C SER E 42 7.86 2.41 -6.68
N ALA E 43 7.54 2.47 -7.98
CA ALA E 43 8.57 2.38 -9.02
C ALA E 43 9.59 3.49 -8.91
N GLN E 44 9.11 4.73 -8.60
CA GLN E 44 10.02 5.85 -8.38
C GLN E 44 10.94 5.63 -7.21
N ILE E 45 10.37 5.19 -6.06
CA ILE E 45 11.18 5.01 -4.87
C ILE E 45 12.23 3.93 -5.07
N THR E 46 11.84 2.85 -5.73
CA THR E 46 12.78 1.74 -5.81
C THR E 46 13.67 1.84 -7.05
N GLY E 47 13.54 2.82 -7.91
CA GLY E 47 14.47 2.98 -9.03
C GLY E 47 14.16 1.97 -10.14
N MET E 48 12.93 1.56 -10.32
CA MET E 48 12.58 0.62 -11.38
C MET E 48 12.61 1.29 -12.76
N THR E 49 12.88 0.56 -13.87
CA THR E 49 12.75 1.15 -15.19
C THR E 49 11.31 0.98 -15.61
N VAL E 50 10.64 1.99 -16.14
CA VAL E 50 9.30 1.80 -16.59
C VAL E 50 9.24 2.13 -18.09
N THR E 51 8.27 1.54 -18.78
CA THR E 51 8.02 1.91 -20.15
C THR E 51 6.57 2.33 -20.19
N ILE E 52 6.31 3.52 -20.70
CA ILE E 52 4.94 3.94 -20.84
C ILE E 52 4.54 3.79 -22.31
N LYS E 53 3.38 3.23 -22.54
CA LYS E 53 2.89 3.05 -23.90
C LYS E 53 1.72 3.97 -24.09
N THR E 54 1.71 4.80 -25.14
CA THR E 54 0.59 5.67 -25.40
C THR E 54 0.70 6.19 -26.83
N ASN E 55 -0.45 6.40 -27.43
CA ASN E 55 -0.52 7.04 -28.74
C ASN E 55 -0.42 8.56 -28.56
N ALA E 56 -0.59 9.12 -27.35
CA ALA E 56 -0.46 10.54 -27.12
C ALA E 56 0.91 10.80 -26.58
N CYS E 57 1.93 10.55 -27.38
CA CYS E 57 3.28 10.64 -26.91
C CYS E 57 3.87 12.03 -27.15
N HIS E 58 3.51 12.93 -26.26
CA HIS E 58 3.92 14.34 -26.32
C HIS E 58 3.77 14.84 -24.89
N ASN E 59 4.39 15.99 -24.54
CA ASN E 59 4.24 16.54 -23.20
C ASN E 59 2.81 16.82 -22.88
N GLY E 60 2.31 16.32 -21.76
CA GLY E 60 0.94 16.51 -21.36
C GLY E 60 0.02 15.45 -21.88
N GLY E 61 0.54 14.43 -22.55
CA GLY E 61 -0.29 13.38 -23.13
C GLY E 61 -0.72 12.38 -22.04
N GLY E 62 -1.88 11.77 -22.23
CA GLY E 62 -2.40 10.79 -21.30
C GLY E 62 -1.91 9.37 -21.56
N PHE E 63 -1.96 8.46 -20.55
CA PHE E 63 -1.58 7.07 -20.77
C PHE E 63 -2.33 6.24 -19.73
N SER E 64 -2.47 4.93 -20.02
CA SER E 64 -2.93 3.97 -19.05
C SER E 64 -2.02 2.77 -19.04
N GLU E 65 -1.14 2.57 -20.03
CA GLU E 65 -0.32 1.37 -20.04
C GLU E 65 1.09 1.59 -19.61
N VAL E 66 1.61 0.75 -18.72
CA VAL E 66 2.93 0.95 -18.16
C VAL E 66 3.50 -0.44 -17.94
N ILE E 67 4.78 -0.64 -18.25
CA ILE E 67 5.47 -1.88 -17.97
C ILE E 67 6.46 -1.53 -16.89
N PHE E 68 6.49 -2.33 -15.81
CA PHE E 68 7.42 -2.16 -14.73
C PHE E 68 8.51 -3.24 -14.82
N ARG E 69 9.77 -2.88 -14.88
CA ARG E 69 10.89 -3.84 -14.89
C ARG E 69 11.93 -3.58 -13.83
#